data_5EVB
#
_entry.id   5EVB
#
_cell.length_a   104.957
_cell.length_b   104.957
_cell.length_c   98.828
_cell.angle_alpha   90.00
_cell.angle_beta   90.00
_cell.angle_gamma   120.00
#
_symmetry.space_group_name_H-M   'P 64 2 2'
#
loop_
_entity.id
_entity.type
_entity.pdbx_description
1 polymer 'Metallo-beta-lactamase L1'
2 non-polymer 'ZINC ION'
3 non-polymer '(3S,5S,7aR)-5-(sulfanylmethyl)tetrahydro[1,3]thiazolo[4,3-b][1,3]thiazole-3-carboxylic acid'
4 non-polymer 'SULFATE ION'
5 water water
#
_entity_poly.entity_id   1
_entity_poly.type   'polypeptide(L)'
_entity_poly.pdbx_seq_one_letter_code
;GPAEVPLPQLRAYTVDASWLQPMAPLQIADHTWQIGTEDLTALLVQTPDGAVLLDGGMPQMASHLLDNMKARGVTPRDLR
LILLSHAHADHAGPVAELKRRTGAKVAANAESAVLLARGGSDDLHFGDGITYPPANADRIVMDGEVITVGGIVFTAHFMA
GHTPGSTAWTWTDTRNGKPVRIAYADSLSAPGYQLQGNPRYPHLIEDYRRSFATVRALPCDVLLTPHPGASNWDYAAGAR
AGAKALTCKAYADAAEQKFDGQLAKETAGAR
;
_entity_poly.pdbx_strand_id   A
#
loop_
_chem_comp.id
_chem_comp.type
_chem_comp.name
_chem_comp.formula
3R9 non-polymer '(3S,5S,7aR)-5-(sulfanylmethyl)tetrahydro[1,3]thiazolo[4,3-b][1,3]thiazole-3-carboxylic acid' 'C7 H11 N O2 S3'
SO4 non-polymer 'SULFATE ION' 'O4 S -2'
ZN non-polymer 'ZINC ION' 'Zn 2'
#
# COMPACT_ATOMS: atom_id res chain seq x y z
N GLU A 4 -19.69 -17.24 -36.46
CA GLU A 4 -19.80 -15.95 -35.77
C GLU A 4 -19.01 -15.94 -34.46
N VAL A 5 -19.27 -14.94 -33.63
CA VAL A 5 -18.28 -14.53 -32.64
C VAL A 5 -18.78 -14.51 -31.20
N PRO A 6 -18.19 -15.34 -30.34
CA PRO A 6 -18.58 -15.33 -28.93
C PRO A 6 -18.03 -14.12 -28.20
N LEU A 7 -18.71 -13.72 -27.12
CA LEU A 7 -18.16 -12.70 -26.24
C LEU A 7 -16.78 -13.15 -25.77
N PRO A 8 -15.89 -12.19 -25.48
CA PRO A 8 -14.53 -12.55 -25.06
C PRO A 8 -14.53 -13.28 -23.72
N GLN A 9 -13.56 -14.15 -23.50
CA GLN A 9 -13.37 -14.78 -22.20
C GLN A 9 -12.96 -13.73 -21.20
N LEU A 10 -13.24 -13.97 -19.92
CA LEU A 10 -12.71 -13.12 -18.87
C LEU A 10 -11.19 -13.14 -18.92
N ARG A 11 -10.57 -12.00 -18.64
CA ARG A 11 -9.12 -11.88 -18.64
C ARG A 11 -8.63 -11.71 -17.22
N ALA A 12 -7.65 -12.52 -16.85
CA ALA A 12 -7.11 -12.43 -15.51
C ALA A 12 -6.19 -11.22 -15.39
N TYR A 13 -6.10 -10.69 -14.18
CA TYR A 13 -5.16 -9.62 -13.90
C TYR A 13 -3.77 -10.24 -13.72
N THR A 14 -2.94 -10.12 -14.75
CA THR A 14 -1.60 -10.69 -14.70
C THR A 14 -0.58 -9.57 -14.50
N VAL A 15 0.52 -9.91 -13.83
CA VAL A 15 1.51 -8.91 -13.44
C VAL A 15 2.92 -9.42 -13.74
N ASP A 16 3.90 -8.52 -13.67
CA ASP A 16 5.31 -8.89 -13.84
C ASP A 16 5.70 -9.97 -12.86
N ALA A 17 6.52 -10.91 -13.32
CA ALA A 17 6.93 -12.05 -12.49
C ALA A 17 7.54 -11.60 -11.15
N SER A 18 8.32 -10.52 -11.16
CA SER A 18 8.98 -10.07 -9.94
C SER A 18 7.98 -9.63 -8.87
N TRP A 19 6.79 -9.23 -9.28
CA TRP A 19 5.74 -8.88 -8.33
C TRP A 19 5.28 -10.11 -7.57
N LEU A 20 5.54 -11.27 -8.13
CA LEU A 20 5.07 -12.53 -7.57
C LEU A 20 6.20 -13.40 -7.06
N GLN A 21 7.40 -12.84 -7.01
CA GLN A 21 8.58 -13.60 -6.58
C GLN A 21 8.76 -13.55 -5.07
N PRO A 22 8.54 -14.70 -4.39
CA PRO A 22 8.65 -14.69 -2.92
C PRO A 22 10.05 -14.33 -2.45
N MET A 23 10.12 -13.63 -1.32
CA MET A 23 11.41 -13.36 -0.68
C MET A 23 11.29 -13.66 0.81
N ALA A 24 12.42 -13.98 1.44
CA ALA A 24 12.48 -14.12 2.89
C ALA A 24 12.31 -12.75 3.55
N PRO A 25 11.95 -12.72 4.84
CA PRO A 25 11.78 -11.43 5.51
C PRO A 25 13.04 -10.58 5.50
N LEU A 26 12.86 -9.30 5.19
CA LEU A 26 13.95 -8.32 5.15
C LEU A 26 13.71 -7.27 6.23
N GLN A 27 14.62 -7.14 7.18
CA GLN A 27 14.42 -6.20 8.29
C GLN A 27 14.64 -4.75 7.87
N ILE A 28 13.69 -3.88 8.24
CA ILE A 28 13.77 -2.45 7.96
C ILE A 28 14.19 -1.67 9.20
N ALA A 29 13.63 -2.04 10.34
CA ALA A 29 14.01 -1.45 11.62
C ALA A 29 13.77 -2.50 12.71
N ASP A 30 13.91 -2.14 13.99
CA ASP A 30 13.89 -3.16 15.04
C ASP A 30 12.60 -4.01 15.04
N HIS A 31 11.44 -3.40 14.73
CA HIS A 31 10.18 -4.16 14.77
C HIS A 31 9.52 -4.33 13.40
N THR A 32 10.14 -3.80 12.35
CA THR A 32 9.51 -3.67 11.04
C THR A 32 10.22 -4.48 9.96
N TRP A 33 9.48 -5.33 9.28
CA TRP A 33 10.03 -6.24 8.26
C TRP A 33 9.25 -6.21 6.95
N GLN A 34 9.97 -6.29 5.83
CA GLN A 34 9.34 -6.54 4.53
C GLN A 34 9.17 -8.05 4.38
N ILE A 35 7.93 -8.51 4.21
CA ILE A 35 7.69 -9.95 4.13
C ILE A 35 6.89 -10.34 2.87
N GLY A 36 6.80 -9.41 1.92
CA GLY A 36 6.06 -9.66 0.69
C GLY A 36 6.92 -10.31 -0.38
N THR A 37 6.84 -9.78 -1.60
CA THR A 37 7.62 -10.31 -2.71
C THR A 37 8.69 -9.31 -3.09
N GLU A 38 9.53 -9.66 -4.08
CA GLU A 38 10.60 -8.76 -4.48
C GLU A 38 10.07 -7.38 -4.88
N ASP A 39 8.91 -7.33 -5.53
CA ASP A 39 8.43 -6.07 -6.07
C ASP A 39 7.05 -5.65 -5.57
N LEU A 40 6.55 -6.29 -4.51
CA LEU A 40 5.37 -5.77 -3.82
C LEU A 40 5.61 -5.75 -2.31
N THR A 41 5.41 -4.58 -1.72
CA THR A 41 5.63 -4.38 -0.29
C THR A 41 4.51 -5.00 0.54
N ALA A 42 4.88 -5.70 1.62
CA ALA A 42 3.95 -6.09 2.67
C ALA A 42 4.73 -6.00 3.96
N LEU A 43 4.36 -5.04 4.81
CA LEU A 43 5.15 -4.75 6.00
C LEU A 43 4.59 -5.42 7.22
N LEU A 44 5.43 -6.15 7.94
CA LEU A 44 5.05 -6.73 9.20
C LEU A 44 5.67 -5.90 10.31
N VAL A 45 4.84 -5.42 11.23
CA VAL A 45 5.35 -4.73 12.41
C VAL A 45 5.03 -5.58 13.63
N GLN A 46 6.07 -6.01 14.34
CA GLN A 46 5.91 -6.92 15.48
C GLN A 46 6.04 -6.19 16.81
N THR A 47 5.04 -6.36 17.66
CA THR A 47 5.00 -5.67 18.95
C THR A 47 4.86 -6.70 20.06
N PRO A 48 5.13 -6.28 21.32
CA PRO A 48 4.95 -7.22 22.43
C PRO A 48 3.49 -7.63 22.62
N ASP A 49 2.56 -6.99 21.89
CA ASP A 49 1.14 -7.34 21.98
C ASP A 49 0.52 -7.62 20.63
N GLY A 50 1.23 -8.36 19.79
CA GLY A 50 0.67 -8.80 18.53
C GLY A 50 1.29 -8.09 17.35
N ALA A 51 0.91 -8.50 16.15
CA ALA A 51 1.53 -7.97 14.95
C ALA A 51 0.55 -7.18 14.08
N VAL A 52 1.12 -6.28 13.30
CA VAL A 52 0.36 -5.50 12.32
C VAL A 52 0.92 -5.80 10.94
N LEU A 53 0.02 -5.95 9.97
CA LEU A 53 0.42 -6.10 8.58
C LEU A 53 -0.06 -4.87 7.82
N LEU A 54 0.85 -4.24 7.08
CA LEU A 54 0.48 -3.14 6.20
C LEU A 54 0.64 -3.61 4.77
N ASP A 55 -0.51 -3.72 4.08
CA ASP A 55 -0.67 -4.31 2.75
C ASP A 55 -0.34 -5.80 2.72
N GLY A 56 -0.92 -6.49 1.73
CA GLY A 56 -0.67 -7.91 1.55
C GLY A 56 -0.20 -8.27 0.16
N GLY A 57 -0.23 -7.32 -0.77
CA GLY A 57 0.15 -7.66 -2.14
C GLY A 57 -0.98 -8.27 -2.94
N MET A 58 -0.65 -9.22 -3.82
CA MET A 58 -1.61 -9.87 -4.71
C MET A 58 -2.41 -10.97 -3.99
N PRO A 59 -3.56 -11.37 -4.55
CA PRO A 59 -4.39 -12.39 -3.88
C PRO A 59 -3.66 -13.71 -3.63
N GLN A 60 -2.77 -14.12 -4.54
CA GLN A 60 -2.16 -15.44 -4.39
C GLN A 60 -1.00 -15.43 -3.38
N MET A 61 -0.75 -14.29 -2.73
CA MET A 61 0.34 -14.17 -1.77
C MET A 61 -0.02 -14.56 -0.32
N ALA A 62 -1.28 -14.90 -0.05
CA ALA A 62 -1.69 -15.16 1.34
C ALA A 62 -0.83 -16.20 2.06
N SER A 63 -0.62 -17.36 1.43
CA SER A 63 0.11 -18.42 2.11
C SER A 63 1.58 -18.05 2.34
N HIS A 64 2.16 -17.35 1.37
CA HIS A 64 3.55 -16.90 1.51
C HIS A 64 3.68 -15.92 2.68
N LEU A 65 2.71 -15.02 2.80
CA LEU A 65 2.68 -14.07 3.91
C LEU A 65 2.62 -14.80 5.25
N LEU A 66 1.73 -15.79 5.34
CA LEU A 66 1.62 -16.57 6.56
C LEU A 66 2.89 -17.35 6.87
N ASP A 67 3.56 -17.86 5.83
CA ASP A 67 4.85 -18.53 6.01
C ASP A 67 5.90 -17.60 6.59
N ASN A 68 5.98 -16.38 6.07
CA ASN A 68 6.95 -15.43 6.56
C ASN A 68 6.64 -14.95 7.96
N MET A 69 5.35 -14.77 8.28
CA MET A 69 4.97 -14.43 9.65
C MET A 69 5.45 -15.52 10.61
N LYS A 70 5.25 -16.77 10.22
CA LYS A 70 5.64 -17.90 11.06
C LYS A 70 7.15 -17.87 11.29
N ALA A 71 7.90 -17.61 10.22
CA ALA A 71 9.36 -17.48 10.30
C ALA A 71 9.77 -16.39 11.28
N ARG A 72 8.94 -15.35 11.38
CA ARG A 72 9.19 -14.25 12.30
C ARG A 72 8.67 -14.51 13.72
N GLY A 73 8.00 -15.64 13.93
CA GLY A 73 7.49 -15.98 15.25
C GLY A 73 6.06 -15.52 15.45
N VAL A 74 5.41 -15.11 14.37
CA VAL A 74 4.02 -14.63 14.43
C VAL A 74 3.05 -15.71 13.96
N THR A 75 2.29 -16.27 14.89
CA THR A 75 1.25 -17.23 14.54
C THR A 75 0.01 -16.51 13.99
N PRO A 76 -0.89 -17.26 13.33
CA PRO A 76 -2.13 -16.62 12.83
C PRO A 76 -2.93 -15.88 13.90
N ARG A 77 -2.97 -16.42 15.12
CA ARG A 77 -3.69 -15.76 16.19
C ARG A 77 -3.02 -14.44 16.61
N ASP A 78 -1.72 -14.32 16.36
CA ASP A 78 -0.93 -13.16 16.79
C ASP A 78 -1.12 -11.93 15.88
N LEU A 79 -1.56 -12.16 14.65
CA LEU A 79 -1.80 -11.06 13.72
C LEU A 79 -3.11 -10.35 14.10
N ARG A 80 -2.98 -9.11 14.55
CA ARG A 80 -4.13 -8.40 15.13
C ARG A 80 -4.80 -7.44 14.16
N LEU A 81 -3.99 -6.86 13.28
CA LEU A 81 -4.45 -5.69 12.53
C LEU A 81 -3.88 -5.69 11.12
N ILE A 82 -4.73 -5.42 10.14
CA ILE A 82 -4.29 -5.18 8.77
C ILE A 82 -4.61 -3.73 8.40
N LEU A 83 -3.60 -3.00 7.92
CA LEU A 83 -3.78 -1.65 7.39
C LEU A 83 -3.49 -1.68 5.91
N LEU A 84 -4.05 -0.73 5.16
CA LEU A 84 -3.84 -0.72 3.70
C LEU A 84 -3.38 0.64 3.20
N SER A 85 -2.48 0.64 2.21
CA SER A 85 -2.18 1.85 1.44
C SER A 85 -3.39 2.22 0.58
N HIS A 86 -3.76 1.34 -0.35
CA HIS A 86 -5.03 1.49 -1.06
C HIS A 86 -5.58 0.13 -1.49
N ALA A 87 -6.88 0.08 -1.78
CA ALA A 87 -7.57 -1.18 -1.95
C ALA A 87 -7.62 -1.66 -3.39
N HIS A 88 -6.48 -1.64 -4.08
CA HIS A 88 -6.35 -2.31 -5.37
C HIS A 88 -5.88 -3.75 -5.19
N ALA A 89 -6.12 -4.56 -6.20
CA ALA A 89 -5.86 -5.99 -6.17
C ALA A 89 -4.41 -6.33 -5.83
N ASP A 90 -3.47 -5.46 -6.20
CA ASP A 90 -2.08 -5.83 -5.99
C ASP A 90 -1.54 -5.36 -4.63
N HIS A 91 -2.42 -4.82 -3.79
CA HIS A 91 -2.02 -4.46 -2.43
C HIS A 91 -2.97 -5.01 -1.37
N ALA A 92 -4.27 -5.15 -1.70
CA ALA A 92 -5.26 -5.68 -0.77
C ALA A 92 -5.73 -7.07 -1.18
N GLY A 93 -5.12 -7.61 -2.23
CA GLY A 93 -5.55 -8.88 -2.79
C GLY A 93 -5.87 -10.02 -1.83
N PRO A 94 -4.97 -10.29 -0.86
CA PRO A 94 -5.19 -11.46 -0.01
C PRO A 94 -5.92 -11.14 1.29
N VAL A 95 -6.45 -9.92 1.42
CA VAL A 95 -7.01 -9.50 2.71
C VAL A 95 -8.15 -10.41 3.18
N ALA A 96 -9.07 -10.77 2.28
CA ALA A 96 -10.19 -11.63 2.67
C ALA A 96 -9.71 -12.97 3.23
N GLU A 97 -8.75 -13.57 2.55
CA GLU A 97 -8.24 -14.86 2.95
C GLU A 97 -7.46 -14.75 4.27
N LEU A 98 -6.68 -13.68 4.40
CA LEU A 98 -5.95 -13.46 5.65
C LEU A 98 -6.91 -13.32 6.83
N LYS A 99 -8.05 -12.67 6.62
CA LYS A 99 -9.03 -12.52 7.69
C LYS A 99 -9.62 -13.86 8.10
N ARG A 100 -9.85 -14.73 7.11
CA ARG A 100 -10.38 -16.07 7.38
C ARG A 100 -9.40 -16.93 8.15
N ARG A 101 -8.11 -16.74 7.88
CA ARG A 101 -7.10 -17.67 8.38
C ARG A 101 -6.31 -17.14 9.58
N THR A 102 -6.60 -15.91 10.00
CA THR A 102 -5.90 -15.31 11.15
C THR A 102 -6.89 -14.57 12.03
N GLY A 103 -6.38 -13.99 13.11
CA GLY A 103 -7.20 -13.18 13.98
C GLY A 103 -7.29 -11.72 13.55
N ALA A 104 -6.77 -11.40 12.37
CA ALA A 104 -6.61 -10.01 11.98
C ALA A 104 -7.94 -9.31 11.69
N LYS A 105 -8.02 -8.06 12.12
CA LYS A 105 -9.11 -7.19 11.74
C LYS A 105 -8.57 -6.06 10.88
N VAL A 106 -9.40 -5.53 9.99
CA VAL A 106 -8.98 -4.50 9.03
C VAL A 106 -9.44 -3.11 9.48
N ALA A 107 -8.51 -2.16 9.49
CA ALA A 107 -8.86 -0.75 9.71
C ALA A 107 -8.56 0.03 8.43
N ALA A 108 -9.54 0.81 7.97
CA ALA A 108 -9.35 1.57 6.74
C ALA A 108 -10.25 2.78 6.75
N ASN A 109 -9.98 3.77 5.89
CA ASN A 109 -10.93 4.86 5.76
C ASN A 109 -12.16 4.42 4.95
N ALA A 110 -13.19 5.26 4.95
CA ALA A 110 -14.45 4.91 4.33
C ALA A 110 -14.30 4.62 2.84
N GLU A 111 -13.49 5.41 2.15
CA GLU A 111 -13.33 5.18 0.71
C GLU A 111 -12.67 3.83 0.46
N SER A 112 -11.62 3.54 1.20
CA SER A 112 -10.96 2.24 1.02
C SER A 112 -11.89 1.10 1.44
N ALA A 113 -12.66 1.29 2.51
CA ALA A 113 -13.60 0.26 2.97
C ALA A 113 -14.64 -0.08 1.91
N VAL A 114 -15.21 0.91 1.23
CA VAL A 114 -16.27 0.58 0.26
C VAL A 114 -15.66 -0.08 -0.98
N LEU A 115 -14.45 0.31 -1.35
CA LEU A 115 -13.80 -0.32 -2.50
C LEU A 115 -13.41 -1.77 -2.14
N LEU A 116 -12.87 -1.95 -0.94
CA LEU A 116 -12.52 -3.29 -0.46
C LEU A 116 -13.75 -4.20 -0.41
N ALA A 117 -14.86 -3.66 0.07
CA ALA A 117 -16.10 -4.42 0.20
C ALA A 117 -16.67 -4.86 -1.14
N ARG A 118 -16.33 -4.18 -2.23
CA ARG A 118 -16.82 -4.66 -3.52
C ARG A 118 -15.69 -5.34 -4.30
N GLY A 119 -14.63 -5.74 -3.58
CA GLY A 119 -13.52 -6.48 -4.17
C GLY A 119 -12.84 -5.74 -5.34
N GLY A 120 -12.80 -4.42 -5.24
CA GLY A 120 -12.14 -3.62 -6.27
C GLY A 120 -12.91 -3.50 -7.57
N SER A 121 -14.15 -3.98 -7.59
CA SER A 121 -15.00 -3.89 -8.77
C SER A 121 -15.54 -2.47 -8.91
N ASP A 122 -16.04 -2.14 -10.10
CA ASP A 122 -16.51 -0.77 -10.41
C ASP A 122 -15.47 0.29 -10.00
N ASP A 123 -14.21 0.03 -10.33
CA ASP A 123 -13.13 0.97 -10.10
C ASP A 123 -13.38 2.25 -10.89
N LEU A 124 -13.02 3.40 -10.35
CA LEU A 124 -13.26 4.66 -11.04
C LEU A 124 -12.59 4.71 -12.40
N HIS A 125 -11.48 4.00 -12.55
CA HIS A 125 -10.70 4.07 -13.78
C HIS A 125 -10.61 2.75 -14.52
N PHE A 126 -10.66 1.65 -13.78
CA PHE A 126 -10.39 0.34 -14.39
C PHE A 126 -11.61 -0.57 -14.51
N GLY A 127 -12.78 -0.05 -14.16
CA GLY A 127 -14.00 -0.84 -14.27
C GLY A 127 -13.92 -2.13 -13.47
N ASP A 128 -14.18 -3.26 -14.12
CA ASP A 128 -14.16 -4.55 -13.41
C ASP A 128 -12.91 -5.35 -13.78
N GLY A 129 -11.90 -4.68 -14.30
CA GLY A 129 -10.72 -5.38 -14.80
C GLY A 129 -9.76 -5.88 -13.74
N ILE A 130 -9.91 -5.39 -12.51
CA ILE A 130 -8.97 -5.74 -11.45
C ILE A 130 -9.69 -6.11 -10.15
N THR A 131 -10.60 -7.08 -10.22
CA THR A 131 -11.33 -7.50 -9.04
C THR A 131 -10.53 -8.52 -8.21
N TYR A 132 -10.89 -8.62 -6.93
CA TYR A 132 -10.24 -9.57 -6.02
C TYR A 132 -11.30 -9.95 -4.98
N PRO A 133 -11.02 -10.95 -4.12
CA PRO A 133 -12.06 -11.33 -3.14
C PRO A 133 -12.43 -10.19 -2.19
N PRO A 134 -13.73 -9.88 -2.09
CA PRO A 134 -14.08 -8.74 -1.22
C PRO A 134 -13.88 -9.03 0.26
N ALA A 135 -13.62 -7.96 1.04
CA ALA A 135 -13.50 -8.09 2.49
C ALA A 135 -14.17 -6.91 3.15
N ASN A 136 -14.60 -7.09 4.40
CA ASN A 136 -15.18 -6.01 5.17
C ASN A 136 -14.14 -5.39 6.09
N ALA A 137 -14.19 -4.07 6.24
CA ALA A 137 -13.40 -3.37 7.25
C ALA A 137 -14.06 -3.49 8.62
N ASP A 138 -13.24 -3.66 9.66
CA ASP A 138 -13.77 -3.80 11.01
C ASP A 138 -13.79 -2.47 11.75
N ARG A 139 -12.97 -1.54 11.27
CA ARG A 139 -12.85 -0.24 11.90
C ARG A 139 -12.67 0.81 10.82
N ILE A 140 -13.42 1.90 10.89
CA ILE A 140 -13.28 2.99 9.94
C ILE A 140 -12.42 4.08 10.56
N VAL A 141 -11.37 4.51 9.86
CA VAL A 141 -10.53 5.58 10.41
C VAL A 141 -10.69 6.89 9.67
N MET A 142 -10.46 7.98 10.41
CA MET A 142 -10.54 9.33 9.88
C MET A 142 -9.13 9.87 9.67
N ASP A 143 -9.01 10.93 8.88
CA ASP A 143 -7.70 11.52 8.60
C ASP A 143 -7.02 11.96 9.90
N GLY A 144 -5.78 11.53 10.09
CA GLY A 144 -5.02 11.94 11.26
C GLY A 144 -5.27 11.06 12.47
N GLU A 145 -6.18 10.10 12.35
CA GLU A 145 -6.48 9.21 13.47
C GLU A 145 -5.33 8.27 13.76
N VAL A 146 -5.14 7.93 15.02
CA VAL A 146 -4.08 7.01 15.38
C VAL A 146 -4.64 5.66 15.80
N ILE A 147 -3.85 4.62 15.53
CA ILE A 147 -4.16 3.29 16.01
C ILE A 147 -2.92 2.77 16.71
N THR A 148 -3.09 2.26 17.92
CA THR A 148 -1.93 1.81 18.69
C THR A 148 -1.97 0.32 18.95
N VAL A 149 -0.86 -0.36 18.64
CA VAL A 149 -0.76 -1.79 18.85
C VAL A 149 0.55 -2.08 19.56
N GLY A 150 0.46 -2.75 20.71
CA GLY A 150 1.65 -3.13 21.46
C GLY A 150 2.57 -1.95 21.69
N GLY A 151 1.98 -0.76 21.76
CA GLY A 151 2.74 0.45 21.99
C GLY A 151 3.33 1.14 20.78
N ILE A 152 3.13 0.58 19.59
CA ILE A 152 3.56 1.25 18.38
C ILE A 152 2.36 2.03 17.84
N VAL A 153 2.56 3.32 17.60
CA VAL A 153 1.47 4.20 17.19
C VAL A 153 1.48 4.48 15.69
N PHE A 154 0.40 4.09 15.01
CA PHE A 154 0.28 4.31 13.58
C PHE A 154 -0.64 5.49 13.30
N THR A 155 -0.20 6.44 12.49
CA THR A 155 -1.03 7.59 12.16
C THR A 155 -1.42 7.57 10.70
N ALA A 156 -2.71 7.77 10.45
CA ALA A 156 -3.23 7.84 9.09
C ALA A 156 -3.09 9.24 8.50
N HIS A 157 -2.58 9.31 7.26
CA HIS A 157 -2.50 10.57 6.52
C HIS A 157 -3.19 10.38 5.16
N PHE A 158 -4.39 10.91 5.00
CA PHE A 158 -5.08 10.68 3.72
C PHE A 158 -4.32 11.38 2.60
N MET A 159 -4.19 10.69 1.45
CA MET A 159 -3.54 11.26 0.28
C MET A 159 -4.27 10.76 -0.96
N ALA A 160 -5.53 11.18 -1.06
CA ALA A 160 -6.41 10.77 -2.15
C ALA A 160 -5.82 11.12 -3.51
N GLY A 161 -6.05 10.24 -4.48
CA GLY A 161 -5.69 10.52 -5.85
C GLY A 161 -5.61 9.22 -6.61
N HIS A 162 -4.58 8.44 -6.32
CA HIS A 162 -4.46 7.14 -6.97
C HIS A 162 -5.72 6.30 -6.76
N THR A 163 -6.23 6.31 -5.54
CA THR A 163 -7.62 5.94 -5.27
C THR A 163 -8.17 7.03 -4.36
N PRO A 164 -9.51 7.16 -4.29
CA PRO A 164 -10.07 8.14 -3.35
C PRO A 164 -9.65 7.89 -1.90
N GLY A 165 -9.41 6.63 -1.57
CA GLY A 165 -9.06 6.26 -0.20
C GLY A 165 -7.58 6.08 0.07
N SER A 166 -6.73 6.46 -0.87
CA SER A 166 -5.27 6.33 -0.68
C SER A 166 -4.80 6.97 0.62
N THR A 167 -3.96 6.24 1.36
CA THR A 167 -3.54 6.61 2.71
C THR A 167 -2.04 6.37 2.90
N ALA A 168 -1.35 7.32 3.54
CA ALA A 168 -0.01 7.08 4.04
C ALA A 168 -0.11 6.70 5.51
N TRP A 169 0.68 5.71 5.93
CA TRP A 169 0.74 5.35 7.34
C TRP A 169 2.12 5.69 7.89
N THR A 170 2.17 6.33 9.06
CA THR A 170 3.47 6.63 9.69
C THR A 170 3.57 6.08 11.09
N TRP A 171 4.78 5.69 11.47
CA TRP A 171 5.01 5.23 12.83
C TRP A 171 6.49 5.38 13.13
N THR A 172 6.82 5.32 14.42
CA THR A 172 8.21 5.48 14.83
C THR A 172 8.71 4.18 15.39
N ASP A 173 9.75 3.64 14.76
CA ASP A 173 10.42 2.43 15.21
C ASP A 173 11.79 2.83 15.75
N THR A 174 12.66 1.87 16.00
CA THR A 174 14.00 2.19 16.45
C THR A 174 15.05 1.45 15.64
N ARG A 175 16.26 1.99 15.66
CA ARG A 175 17.42 1.33 15.08
C ARG A 175 18.65 1.93 15.77
N ASN A 176 19.53 1.06 16.27
CA ASN A 176 20.73 1.47 16.98
C ASN A 176 20.43 2.41 18.15
N GLY A 177 19.31 2.17 18.83
CA GLY A 177 18.92 2.97 19.98
C GLY A 177 18.33 4.32 19.64
N LYS A 178 18.20 4.62 18.35
CA LYS A 178 17.66 5.90 17.91
C LYS A 178 16.31 5.72 17.24
N PRO A 179 15.41 6.69 17.42
CA PRO A 179 14.12 6.60 16.74
C PRO A 179 14.24 6.66 15.22
N VAL A 180 13.42 5.87 14.54
CA VAL A 180 13.34 5.92 13.09
C VAL A 180 11.89 6.17 12.70
N ARG A 181 11.63 7.35 12.16
CA ARG A 181 10.30 7.72 11.70
C ARG A 181 10.06 7.15 10.30
N ILE A 182 9.23 6.13 10.23
CA ILE A 182 8.96 5.43 8.99
C ILE A 182 7.70 5.99 8.35
N ALA A 183 7.76 6.30 7.07
CA ALA A 183 6.59 6.73 6.33
C ALA A 183 6.30 5.72 5.23
N TYR A 184 5.16 5.05 5.32
CA TYR A 184 4.71 4.15 4.27
C TYR A 184 3.72 4.94 3.41
N ALA A 185 4.21 5.56 2.35
CA ALA A 185 3.38 6.47 1.56
C ALA A 185 2.79 5.73 0.38
N ASP A 186 1.52 5.99 0.10
CA ASP A 186 0.85 5.29 -0.99
C ASP A 186 1.36 5.76 -2.36
N SER A 187 0.92 5.06 -3.40
CA SER A 187 1.17 5.42 -4.78
C SER A 187 0.70 6.82 -5.12
N LEU A 188 1.49 7.53 -5.92
CA LEU A 188 1.11 8.85 -6.41
C LEU A 188 1.00 8.84 -7.93
N SER A 189 0.90 7.64 -8.50
CA SER A 189 0.76 7.46 -9.94
C SER A 189 -0.69 7.62 -10.37
N ALA A 190 -0.87 7.85 -11.66
CA ALA A 190 -2.21 7.89 -12.24
C ALA A 190 -2.20 7.14 -13.57
N PRO A 191 -1.98 5.81 -13.54
CA PRO A 191 -1.65 5.01 -14.72
C PRO A 191 -2.81 4.90 -15.71
N GLY A 192 -2.75 5.66 -16.81
CA GLY A 192 -3.80 5.65 -17.81
C GLY A 192 -5.07 6.38 -17.39
N TYR A 193 -5.00 7.13 -16.29
CA TYR A 193 -6.16 7.86 -15.79
C TYR A 193 -6.54 9.03 -16.69
N GLN A 194 -7.83 9.26 -16.89
CA GLN A 194 -8.30 10.55 -17.40
C GLN A 194 -8.25 11.52 -16.24
N LEU A 195 -7.41 12.54 -16.34
CA LEU A 195 -7.16 13.44 -15.21
C LEU A 195 -8.15 14.59 -15.19
N GLN A 196 -8.35 15.23 -16.34
CA GLN A 196 -9.18 16.43 -16.42
C GLN A 196 -10.62 16.09 -16.81
N GLY A 197 -11.58 16.71 -16.12
CA GLY A 197 -12.98 16.55 -16.49
C GLY A 197 -13.47 15.12 -16.39
N ASN A 198 -12.94 14.37 -15.44
CA ASN A 198 -13.37 13.00 -15.21
C ASN A 198 -14.68 13.01 -14.43
N PRO A 199 -15.77 12.51 -15.04
CA PRO A 199 -17.07 12.62 -14.38
C PRO A 199 -17.16 11.74 -13.13
N ARG A 200 -16.33 10.71 -13.03
CA ARG A 200 -16.32 9.86 -11.84
C ARG A 200 -15.43 10.43 -10.74
N TYR A 201 -14.59 11.39 -11.06
CA TYR A 201 -13.66 11.99 -10.09
C TYR A 201 -13.39 13.43 -10.46
N PRO A 202 -14.39 14.30 -10.26
CA PRO A 202 -14.27 15.66 -10.78
C PRO A 202 -13.14 16.47 -10.13
N HIS A 203 -12.79 16.20 -8.88
CA HIS A 203 -11.73 16.98 -8.21
C HIS A 203 -10.41 16.22 -8.17
N LEU A 204 -10.20 15.33 -9.13
CA LEU A 204 -9.02 14.49 -9.16
C LEU A 204 -7.73 15.31 -9.11
N ILE A 205 -7.64 16.35 -9.93
CA ILE A 205 -6.38 17.10 -9.98
C ILE A 205 -6.11 17.82 -8.66
N GLU A 206 -7.13 18.46 -8.08
CA GLU A 206 -6.98 19.11 -6.79
C GLU A 206 -6.52 18.15 -5.70
N ASP A 207 -7.09 16.94 -5.72
CA ASP A 207 -6.72 15.92 -4.73
C ASP A 207 -5.27 15.47 -4.88
N TYR A 208 -4.83 15.21 -6.12
CA TYR A 208 -3.42 14.88 -6.32
C TYR A 208 -2.50 16.00 -5.84
N ARG A 209 -2.79 17.25 -6.19
CA ARG A 209 -1.94 18.36 -5.76
C ARG A 209 -1.85 18.44 -4.24
N ARG A 210 -2.98 18.27 -3.55
CA ARG A 210 -2.96 18.28 -2.09
C ARG A 210 -2.15 17.11 -1.56
N SER A 211 -2.25 15.98 -2.25
CA SER A 211 -1.54 14.78 -1.81
C SER A 211 -0.02 14.88 -1.99
N PHE A 212 0.45 15.54 -3.05
CA PHE A 212 1.90 15.81 -3.16
C PHE A 212 2.39 16.61 -1.94
N ALA A 213 1.58 17.57 -1.51
CA ALA A 213 1.96 18.43 -0.41
C ALA A 213 1.95 17.65 0.90
N THR A 214 0.99 16.74 1.02
CA THR A 214 0.87 15.91 2.22
C THR A 214 2.08 14.99 2.37
N VAL A 215 2.44 14.34 1.27
CA VAL A 215 3.58 13.42 1.28
C VAL A 215 4.90 14.16 1.56
N ARG A 216 5.06 15.33 0.96
CA ARG A 216 6.26 16.15 1.14
C ARG A 216 6.48 16.48 2.61
N ALA A 217 5.39 16.66 3.35
CA ALA A 217 5.49 17.11 4.73
C ALA A 217 5.49 15.99 5.79
N LEU A 218 5.41 14.72 5.37
CA LEU A 218 5.36 13.61 6.34
C LEU A 218 6.60 13.51 7.22
N PRO A 219 6.43 13.07 8.49
CA PRO A 219 7.58 12.69 9.30
C PRO A 219 8.25 11.49 8.63
N CYS A 220 9.52 11.61 8.26
CA CYS A 220 10.04 10.70 7.25
C CYS A 220 11.55 10.50 7.29
N ASP A 221 12.05 9.75 8.27
CA ASP A 221 13.45 9.32 8.23
C ASP A 221 13.66 8.25 7.16
N VAL A 222 12.66 7.39 6.98
CA VAL A 222 12.74 6.32 5.99
C VAL A 222 11.43 6.23 5.24
N LEU A 223 11.48 6.35 3.93
CA LEU A 223 10.29 6.22 3.09
C LEU A 223 10.17 4.81 2.55
N LEU A 224 8.98 4.22 2.63
CA LEU A 224 8.67 2.97 1.94
C LEU A 224 7.42 3.17 1.09
N THR A 225 7.29 2.43 -0.02
CA THR A 225 6.12 2.55 -0.90
C THR A 225 5.61 1.18 -1.31
N PRO A 226 4.31 1.08 -1.64
CA PRO A 226 3.70 -0.21 -2.02
C PRO A 226 4.44 -0.89 -3.17
N HIS A 227 4.86 -0.11 -4.16
CA HIS A 227 5.82 -0.61 -5.15
C HIS A 227 7.18 -0.04 -4.77
N PRO A 228 8.11 -0.91 -4.38
CA PRO A 228 9.39 -0.44 -3.83
C PRO A 228 10.18 0.43 -4.81
N GLY A 229 10.07 0.14 -6.10
CA GLY A 229 10.76 0.92 -7.12
C GLY A 229 10.39 2.39 -7.12
N ALA A 230 9.16 2.69 -6.69
CA ALA A 230 8.68 4.07 -6.64
C ALA A 230 9.49 4.93 -5.66
N SER A 231 10.02 4.31 -4.61
CA SER A 231 10.87 5.04 -3.66
C SER A 231 12.33 4.61 -3.76
N ASN A 232 12.66 3.91 -4.84
CA ASN A 232 14.02 3.44 -5.16
CA ASN A 232 14.03 3.46 -5.15
C ASN A 232 14.56 2.41 -4.17
N TRP A 233 13.65 1.66 -3.55
CA TRP A 233 14.04 0.50 -2.76
C TRP A 233 14.35 -0.65 -3.72
N ASP A 234 15.31 -1.50 -3.34
CA ASP A 234 15.58 -2.74 -4.07
C ASP A 234 15.60 -3.90 -3.08
N TYR A 235 14.47 -4.55 -2.87
CA TYR A 235 14.37 -5.58 -1.82
C TYR A 235 15.31 -6.76 -2.04
N ALA A 236 15.74 -6.98 -3.27
CA ALA A 236 16.65 -8.09 -3.55
C ALA A 236 18.12 -7.74 -3.26
N ALA A 237 18.39 -6.49 -2.90
CA ALA A 237 19.77 -6.04 -2.76
C ALA A 237 20.32 -6.15 -1.33
N GLY A 238 19.65 -6.93 -0.49
CA GLY A 238 20.17 -7.26 0.82
C GLY A 238 20.50 -6.08 1.73
N ALA A 239 21.75 -6.00 2.15
CA ALA A 239 22.18 -4.96 3.10
C ALA A 239 22.07 -3.56 2.50
N ARG A 240 21.99 -3.50 1.17
CA ARG A 240 21.88 -2.23 0.47
C ARG A 240 20.48 -1.97 -0.07
N ALA A 241 19.50 -2.77 0.36
CA ALA A 241 18.13 -2.63 -0.17
C ALA A 241 17.57 -1.22 -0.12
N GLY A 242 17.79 -0.52 1.01
CA GLY A 242 17.25 0.83 1.16
C GLY A 242 18.26 1.94 0.95
N ALA A 243 19.45 1.61 0.50
CA ALA A 243 20.52 2.61 0.41
C ALA A 243 20.15 3.78 -0.50
N LYS A 244 19.46 3.50 -1.61
CA LYS A 244 19.13 4.54 -2.60
C LYS A 244 17.76 5.15 -2.40
N ALA A 245 17.07 4.79 -1.31
CA ALA A 245 15.70 5.24 -1.11
C ALA A 245 15.58 6.77 -1.17
N LEU A 246 14.52 7.23 -1.81
CA LEU A 246 14.18 8.64 -1.86
C LEU A 246 13.73 9.15 -0.50
N THR A 247 13.92 10.44 -0.25
CA THR A 247 13.19 11.12 0.81
C THR A 247 11.71 11.25 0.43
N CYS A 248 10.85 11.55 1.40
CA CYS A 248 9.46 11.85 1.06
C CYS A 248 9.36 13.09 0.16
N LYS A 249 10.25 14.06 0.37
CA LYS A 249 10.23 15.29 -0.44
C LYS A 249 10.53 14.98 -1.91
N ALA A 250 11.54 14.13 -2.11
CA ALA A 250 11.98 13.77 -3.45
C ALA A 250 10.94 12.90 -4.16
N TYR A 251 10.31 12.02 -3.39
CA TYR A 251 9.24 11.16 -3.93
C TYR A 251 8.06 12.02 -4.41
N ALA A 252 7.66 12.96 -3.58
CA ALA A 252 6.55 13.86 -3.92
C ALA A 252 6.89 14.73 -5.12
N ASP A 253 8.12 15.26 -5.14
CA ASP A 253 8.53 16.12 -6.26
C ASP A 253 8.57 15.36 -7.58
N ALA A 254 9.09 14.13 -7.56
CA ALA A 254 9.15 13.32 -8.77
C ALA A 254 7.74 13.00 -9.26
N ALA A 255 6.85 12.67 -8.33
CA ALA A 255 5.48 12.31 -8.68
C ALA A 255 4.75 13.51 -9.28
N GLU A 256 4.98 14.70 -8.72
CA GLU A 256 4.32 15.90 -9.22
C GLU A 256 4.82 16.27 -10.61
N GLN A 257 6.14 16.16 -10.82
CA GLN A 257 6.70 16.44 -12.14
C GLN A 257 6.16 15.46 -13.18
N LYS A 258 6.06 14.19 -12.81
CA LYS A 258 5.48 13.20 -13.73
C LYS A 258 4.01 13.52 -14.03
N PHE A 259 3.29 13.88 -12.99
CA PHE A 259 1.86 14.21 -13.10
C PHE A 259 1.65 15.41 -14.01
N ASP A 260 2.46 16.45 -13.83
CA ASP A 260 2.40 17.62 -14.71
C ASP A 260 2.66 17.27 -16.17
N GLY A 261 3.60 16.36 -16.40
CA GLY A 261 3.87 15.88 -17.75
C GLY A 261 2.68 15.14 -18.32
N GLN A 262 2.03 14.34 -17.48
CA GLN A 262 0.88 13.56 -17.93
C GLN A 262 -0.29 14.48 -18.26
N LEU A 263 -0.47 15.51 -17.44
CA LEU A 263 -1.51 16.51 -17.71
C LEU A 263 -1.30 17.19 -19.06
N ALA A 264 -0.04 17.57 -19.33
CA ALA A 264 0.29 18.22 -20.60
C ALA A 264 0.05 17.27 -21.78
N LYS A 265 0.39 15.99 -21.61
CA LYS A 265 0.19 15.02 -22.69
C LYS A 265 -1.29 14.78 -22.92
N GLU A 266 -2.07 14.85 -21.85
CA GLU A 266 -3.50 14.62 -21.96
C GLU A 266 -4.16 15.73 -22.74
N THR A 267 -3.80 16.96 -22.39
CA THR A 267 -4.22 18.13 -23.17
C THR A 267 -3.81 17.99 -24.64
N ALA A 268 -2.62 17.44 -24.90
CA ALA A 268 -2.17 17.29 -26.27
C ALA A 268 -2.71 16.02 -26.95
N GLY A 269 -3.48 15.22 -26.22
CA GLY A 269 -3.97 13.95 -26.75
C GLY A 269 -5.42 14.01 -27.16
ZN ZN B . -3.28 0.98 -7.33
ZN ZN C . -0.09 -1.26 -7.19
O 3R9 D . -0.64 0.26 -14.82
N 3R9 D . -2.44 -0.92 -12.04
C 3R9 D . -0.85 -0.39 -13.78
OXT 3R9 D . -0.10 -1.07 -13.06
CA 3R9 D . -2.31 -0.33 -13.35
CB 3R9 D . -3.18 -1.07 -14.36
SAH 3R9 D . -4.48 -1.89 -13.42
CAM 3R9 D . -3.69 -1.59 -11.80
CAF 3R9 D . -4.53 -0.65 -10.93
SAG 3R9 D . -3.51 0.77 -10.55
CAJ 3R9 D . -2.03 -0.16 -10.90
CAD 3R9 D . -1.78 -1.05 -9.70
SAC 3R9 D . -1.36 -0.07 -8.26
S SO4 E . -6.39 2.96 19.58
O1 SO4 E . -6.28 1.78 18.72
O2 SO4 E . -6.72 2.54 20.94
O3 SO4 E . -5.12 3.69 19.60
O4 SO4 E . -7.43 3.85 19.07
S SO4 F . 20.60 -2.31 19.71
O1 SO4 F . 20.18 -2.36 18.30
O2 SO4 F . 20.14 -3.52 20.39
O3 SO4 F . 22.04 -2.21 19.77
O4 SO4 F . 20.00 -1.13 20.34
#